data_3P2Y
#
_entry.id   3P2Y
#
_cell.length_a   89.760
_cell.length_b   89.760
_cell.length_c   179.570
_cell.angle_alpha   90.000
_cell.angle_beta   90.000
_cell.angle_gamma   120.000
#
_symmetry.space_group_name_H-M   'P 61 2 2'
#
loop_
_entity.id
_entity.type
_entity.pdbx_description
1 polymer 'Alanine dehydrogenase/pyridine nucleotide transhydrogenase'
2 non-polymer 'CALCIUM ION'
3 non-polymer 'SODIUM ION'
4 non-polymer 1,2-ETHANEDIOL
5 water water
#
_entity_poly.entity_id   1
_entity_poly.type   'polypeptide(L)'
_entity_poly.pdbx_seq_one_letter_code
;MAHHHHHHMGTLEAQTQGPGSMTLIGVPRESAEGERRVALVPKVVEKLSARGLEVVVESAAGAGALFSDADYERAGATIG
DPWPADVVVKVNPPTSDEISQLKPGSVLIGFLAPRTQPELASRLRIADVTAFAMESIPRISRAQTMDALSSQANVAGYKA
VLLGASLSTRFVPMLTTAAGTVKPASALVLGVGVAGLQALATAKRLGAKTTGYDVRPEVAEQVRSVGAQWLDLGIDAAGE
GGYARELSEAERAQQQQALEDAITKFDIVITTALVPGRPAPRLVTAAAATGMQPGSVVVDLAGETGGNCELTEPGRTIVH
HGVTITSPLNLPATMPEHASELYAKNVTALLDLLLTDDGVAPDFTDEIVAASCITRTEGDI
;
_entity_poly.pdbx_strand_id   A
#
# COMPACT_ATOMS: atom_id res chain seq x y z
N GLY A 20 6.76 -25.81 17.70
CA GLY A 20 6.81 -25.32 16.29
C GLY A 20 7.54 -26.20 15.29
N SER A 21 8.33 -27.17 15.76
CA SER A 21 9.22 -28.00 14.88
C SER A 21 8.52 -28.78 13.75
N MET A 22 7.25 -29.09 13.93
CA MET A 22 6.49 -29.82 12.92
C MET A 22 5.76 -28.89 11.92
N THR A 23 5.94 -27.57 12.05
CA THR A 23 5.24 -26.60 11.19
C THR A 23 6.27 -25.88 10.34
N LEU A 24 6.05 -25.93 9.01
CA LEU A 24 6.95 -25.34 8.03
C LEU A 24 6.25 -24.16 7.38
N ILE A 25 6.89 -22.98 7.45
CA ILE A 25 6.40 -21.75 6.83
CA ILE A 25 6.40 -21.75 6.82
C ILE A 25 7.21 -21.50 5.55
N GLY A 26 6.55 -21.31 4.42
CA GLY A 26 7.24 -21.12 3.12
C GLY A 26 7.10 -19.69 2.62
N VAL A 27 8.21 -19.11 2.15
CA VAL A 27 8.22 -17.75 1.64
C VAL A 27 8.68 -17.79 0.19
N PRO A 28 7.78 -17.53 -0.78
CA PRO A 28 8.20 -17.50 -2.18
C PRO A 28 8.78 -16.17 -2.65
N ARG A 29 9.54 -16.23 -3.75
CA ARG A 29 9.90 -15.04 -4.50
C ARG A 29 8.66 -14.51 -5.20
N GLU A 30 8.42 -13.20 -5.10
CA GLU A 30 7.32 -12.57 -5.83
C GLU A 30 7.60 -12.53 -7.32
N SER A 31 6.65 -13.04 -8.11
CA SER A 31 6.82 -13.19 -9.58
C SER A 31 6.28 -12.01 -10.39
N ALA A 32 5.44 -11.16 -9.77
CA ALA A 32 4.82 -10.04 -10.48
C ALA A 32 5.83 -9.03 -11.03
N GLU A 33 5.60 -8.53 -12.24
CA GLU A 33 6.52 -7.56 -12.84
C GLU A 33 6.64 -6.33 -11.92
N GLY A 34 7.87 -5.93 -11.63
CA GLY A 34 8.17 -4.71 -10.89
C GLY A 34 8.14 -4.91 -9.39
N GLU A 35 7.69 -6.09 -8.94
CA GLU A 35 7.56 -6.31 -7.49
C GLU A 35 8.93 -6.51 -6.89
N ARG A 36 9.21 -5.83 -5.77
CA ARG A 36 10.48 -6.02 -5.06
C ARG A 36 10.29 -6.46 -3.61
N ARG A 37 9.06 -6.47 -3.10
CA ARG A 37 8.83 -6.87 -1.72
C ARG A 37 8.94 -8.39 -1.61
N VAL A 38 9.07 -8.83 -0.36
CA VAL A 38 9.11 -10.26 0.01
C VAL A 38 8.31 -10.39 1.32
N ALA A 39 7.57 -11.49 1.50
CA ALA A 39 6.58 -11.52 2.60
C ALA A 39 7.21 -11.56 3.99
N LEU A 40 8.37 -12.20 4.13
CA LEU A 40 9.11 -12.12 5.39
C LEU A 40 10.52 -11.62 5.11
N VAL A 41 11.02 -10.76 6.00
CA VAL A 41 12.40 -10.29 5.95
C VAL A 41 13.21 -11.09 6.94
N PRO A 42 14.54 -11.12 6.77
CA PRO A 42 15.38 -11.94 7.65
C PRO A 42 15.17 -11.70 9.16
N LYS A 43 14.99 -10.44 9.59
CA LYS A 43 14.79 -10.17 11.04
C LYS A 43 13.56 -10.85 11.61
N VAL A 44 12.51 -11.00 10.78
CA VAL A 44 11.28 -11.62 11.21
C VAL A 44 11.42 -13.14 11.15
N VAL A 45 12.05 -13.61 10.09
CA VAL A 45 12.41 -15.04 10.02
C VAL A 45 13.18 -15.48 11.27
N GLU A 46 14.11 -14.66 11.71
CA GLU A 46 14.91 -14.99 12.91
C GLU A 46 14.01 -15.25 14.13
N LYS A 47 13.01 -14.39 14.31
CA LYS A 47 12.04 -14.56 15.40
C LYS A 47 11.25 -15.86 15.30
N LEU A 48 10.80 -16.20 14.09
CA LEU A 48 10.05 -17.45 13.90
C LEU A 48 10.94 -18.68 14.16
N SER A 49 12.17 -18.64 13.66
CA SER A 49 13.14 -19.71 13.92
C SER A 49 13.37 -19.90 15.41
N ALA A 50 13.55 -18.77 16.11
CA ALA A 50 13.79 -18.77 17.55
C ALA A 50 12.65 -19.42 18.35
N ARG A 51 11.44 -19.34 17.81
CA ARG A 51 10.28 -20.01 18.41
C ARG A 51 10.17 -21.49 18.05
N GLY A 52 11.04 -21.98 17.18
CA GLY A 52 11.02 -23.40 16.81
C GLY A 52 10.34 -23.76 15.49
N LEU A 53 9.76 -22.76 14.82
CA LEU A 53 9.15 -22.99 13.50
C LEU A 53 10.24 -23.19 12.46
N GLU A 54 9.96 -24.01 11.45
CA GLU A 54 10.88 -24.16 10.31
C GLU A 54 10.45 -23.18 9.23
N VAL A 55 11.42 -22.52 8.59
CA VAL A 55 11.09 -21.55 7.55
C VAL A 55 11.91 -21.98 6.34
N VAL A 56 11.23 -22.08 5.19
CA VAL A 56 11.88 -22.32 3.90
C VAL A 56 11.65 -21.10 3.03
N VAL A 57 12.74 -20.54 2.51
CA VAL A 57 12.68 -19.32 1.67
C VAL A 57 13.16 -19.68 0.29
N GLU A 58 12.41 -19.29 -0.74
CA GLU A 58 12.83 -19.58 -2.11
C GLU A 58 14.12 -18.79 -2.39
N SER A 59 15.03 -19.40 -3.13
CA SER A 59 16.24 -18.66 -3.51
C SER A 59 15.89 -17.33 -4.20
N ALA A 60 16.65 -16.30 -3.83
CA ALA A 60 16.48 -14.91 -4.34
C ALA A 60 15.12 -14.26 -4.02
N ALA A 61 14.37 -14.83 -3.07
CA ALA A 61 13.08 -14.19 -2.69
C ALA A 61 13.32 -12.76 -2.19
N GLY A 62 14.44 -12.56 -1.51
CA GLY A 62 14.76 -11.24 -0.92
C GLY A 62 15.57 -10.33 -1.83
N ALA A 63 15.82 -10.76 -3.07
CA ALA A 63 16.77 -10.03 -3.94
C ALA A 63 16.29 -8.64 -4.33
N GLY A 64 14.96 -8.51 -4.50
CA GLY A 64 14.35 -7.20 -4.78
C GLY A 64 14.60 -6.20 -3.66
N ALA A 65 14.61 -6.69 -2.42
CA ALA A 65 14.85 -5.87 -1.24
C ALA A 65 16.34 -5.83 -0.84
N LEU A 66 17.18 -6.40 -1.71
CA LEU A 66 18.65 -6.45 -1.54
C LEU A 66 19.17 -7.35 -0.41
N PHE A 67 18.36 -8.33 0.00
CA PHE A 67 18.78 -9.37 0.95
C PHE A 67 19.41 -10.50 0.17
N SER A 68 20.26 -11.31 0.80
CA SER A 68 20.79 -12.50 0.11
C SER A 68 20.22 -13.78 0.71
N ASP A 69 20.42 -14.91 0.02
CA ASP A 69 20.02 -16.20 0.56
C ASP A 69 20.77 -16.40 1.89
N ALA A 70 22.03 -15.96 1.96
CA ALA A 70 22.81 -16.12 3.20
C ALA A 70 22.17 -15.37 4.37
N ASP A 71 21.55 -14.21 4.10
CA ASP A 71 20.87 -13.47 5.18
C ASP A 71 19.76 -14.31 5.78
N TYR A 72 18.99 -14.96 4.91
CA TYR A 72 17.95 -15.88 5.37
C TYR A 72 18.46 -17.11 6.11
N GLU A 73 19.54 -17.72 5.60
CA GLU A 73 20.12 -18.89 6.28
C GLU A 73 20.65 -18.48 7.68
N ARG A 74 21.27 -17.29 7.76
CA ARG A 74 21.71 -16.76 9.06
C ARG A 74 20.57 -16.55 10.06
N ALA A 75 19.36 -16.32 9.54
CA ALA A 75 18.15 -16.15 10.35
C ALA A 75 17.48 -17.48 10.67
N GLY A 76 18.09 -18.58 10.23
CA GLY A 76 17.59 -19.90 10.55
C GLY A 76 16.76 -20.57 9.47
N ALA A 77 16.56 -19.89 8.33
CA ALA A 77 15.81 -20.51 7.24
C ALA A 77 16.65 -21.50 6.46
N THR A 78 15.97 -22.39 5.76
CA THR A 78 16.60 -23.18 4.70
CA THR A 78 16.58 -23.19 4.70
C THR A 78 16.15 -22.60 3.36
N ILE A 79 17.01 -22.69 2.35
CA ILE A 79 16.67 -22.18 1.02
C ILE A 79 16.13 -23.34 0.18
N GLY A 80 14.94 -23.20 -0.38
CA GLY A 80 14.34 -24.34 -1.08
C GLY A 80 12.96 -24.04 -1.61
N ASP A 81 12.19 -25.07 -1.91
CA ASP A 81 10.87 -24.89 -2.51
C ASP A 81 9.87 -24.46 -1.43
N PRO A 82 9.28 -23.26 -1.58
CA PRO A 82 8.41 -22.76 -0.54
C PRO A 82 6.97 -23.26 -0.68
N TRP A 83 6.58 -23.74 -1.87
CA TRP A 83 5.15 -23.96 -2.16
C TRP A 83 4.46 -25.08 -1.40
N PRO A 84 5.20 -26.17 -1.08
CA PRO A 84 4.47 -27.24 -0.37
C PRO A 84 4.42 -27.12 1.15
N ALA A 85 4.76 -25.93 1.67
CA ALA A 85 4.78 -25.70 3.13
C ALA A 85 3.39 -25.82 3.74
N ASP A 86 3.36 -26.00 5.07
CA ASP A 86 2.10 -25.99 5.80
C ASP A 86 1.43 -24.62 5.78
N VAL A 87 2.24 -23.56 5.79
CA VAL A 87 1.71 -22.21 5.68
C VAL A 87 2.57 -21.49 4.68
N VAL A 88 1.98 -20.98 3.60
CA VAL A 88 2.75 -20.20 2.62
C VAL A 88 2.33 -18.75 2.83
N VAL A 89 3.34 -17.86 2.99
CA VAL A 89 3.06 -16.45 3.19
C VAL A 89 3.66 -15.69 2.02
N LYS A 90 2.87 -14.87 1.36
CA LYS A 90 3.41 -14.16 0.19
C LYS A 90 2.80 -12.77 0.14
N VAL A 91 3.20 -11.96 -0.83
CA VAL A 91 2.69 -10.60 -0.95
C VAL A 91 1.51 -10.56 -1.92
N ASN A 92 1.77 -10.70 -3.22
CA ASN A 92 0.70 -10.56 -4.24
C ASN A 92 -0.13 -11.83 -4.42
N PRO A 93 -1.36 -11.68 -4.99
CA PRO A 93 -2.19 -12.89 -5.21
C PRO A 93 -1.40 -13.93 -6.01
N PRO A 94 -1.61 -15.21 -5.71
CA PRO A 94 -0.93 -16.27 -6.43
C PRO A 94 -1.48 -16.41 -7.85
N THR A 95 -0.61 -16.79 -8.78
CA THR A 95 -1.02 -17.13 -10.14
C THR A 95 -1.60 -18.55 -10.13
N SER A 96 -2.23 -18.92 -11.25
CA SER A 96 -2.78 -20.27 -11.42
CA SER A 96 -2.78 -20.27 -11.38
C SER A 96 -1.70 -21.34 -11.21
N ASP A 97 -0.54 -21.12 -11.80
CA ASP A 97 0.58 -22.07 -11.71
CA ASP A 97 0.55 -22.10 -11.69
C ASP A 97 1.10 -22.16 -10.27
N GLU A 98 1.11 -21.03 -9.56
CA GLU A 98 1.49 -21.05 -8.16
C GLU A 98 0.48 -21.83 -7.33
N ILE A 99 -0.80 -21.60 -7.57
CA ILE A 99 -1.85 -22.32 -6.80
C ILE A 99 -1.72 -23.84 -6.98
N SER A 100 -1.38 -24.24 -8.21
CA SER A 100 -1.19 -25.65 -8.56
CA SER A 100 -1.19 -25.64 -8.56
C SER A 100 -0.11 -26.34 -7.73
N GLN A 101 0.78 -25.55 -7.10
CA GLN A 101 1.87 -26.09 -6.29
C GLN A 101 1.59 -26.15 -4.79
N LEU A 102 0.46 -25.58 -4.37
CA LEU A 102 0.10 -25.61 -2.94
C LEU A 102 -0.39 -26.99 -2.54
N LYS A 103 -0.14 -27.43 -1.32
CA LYS A 103 -0.58 -28.79 -0.99
C LYS A 103 -1.96 -28.76 -0.33
N PRO A 104 -2.76 -29.79 -0.58
CA PRO A 104 -4.03 -29.80 0.12
C PRO A 104 -3.83 -29.78 1.64
N GLY A 105 -4.69 -29.05 2.33
CA GLY A 105 -4.59 -28.94 3.78
C GLY A 105 -3.69 -27.83 4.29
N SER A 106 -3.05 -27.10 3.36
CA SER A 106 -2.20 -25.97 3.74
C SER A 106 -2.99 -24.70 4.00
N VAL A 107 -2.29 -23.67 4.48
CA VAL A 107 -2.84 -22.33 4.68
C VAL A 107 -2.04 -21.40 3.78
N LEU A 108 -2.72 -20.41 3.18
CA LEU A 108 -2.05 -19.36 2.42
C LEU A 108 -2.46 -18.04 3.02
N ILE A 109 -1.48 -17.15 3.21
CA ILE A 109 -1.74 -15.80 3.73
C ILE A 109 -1.11 -14.85 2.77
N GLY A 110 -1.85 -13.82 2.34
CA GLY A 110 -1.27 -12.78 1.46
C GLY A 110 -2.33 -11.78 1.04
N PHE A 111 -1.99 -10.85 0.15
CA PHE A 111 -3.03 -10.06 -0.49
C PHE A 111 -3.66 -10.97 -1.51
N LEU A 112 -4.97 -11.21 -1.39
CA LEU A 112 -5.66 -12.15 -2.27
C LEU A 112 -6.75 -11.51 -3.12
N ALA A 113 -6.81 -10.18 -3.17
CA ALA A 113 -7.72 -9.45 -4.05
C ALA A 113 -9.18 -9.94 -4.00
N PRO A 114 -9.76 -10.04 -2.79
CA PRO A 114 -11.09 -10.66 -2.67
C PRO A 114 -12.17 -9.93 -3.51
N ARG A 115 -12.05 -8.63 -3.69
CA ARG A 115 -13.01 -7.89 -4.51
C ARG A 115 -12.80 -8.08 -6.01
N THR A 116 -11.56 -8.00 -6.46
CA THR A 116 -11.26 -7.86 -7.87
C THR A 116 -10.92 -9.22 -8.52
N GLN A 117 -10.64 -10.22 -7.69
CA GLN A 117 -10.33 -11.59 -8.16
C GLN A 117 -11.17 -12.63 -7.40
N PRO A 118 -12.51 -12.56 -7.49
CA PRO A 118 -13.37 -13.47 -6.72
C PRO A 118 -13.17 -14.96 -7.03
N GLU A 119 -12.75 -15.30 -8.24
CA GLU A 119 -12.48 -16.68 -8.62
C GLU A 119 -11.32 -17.29 -7.82
N LEU A 120 -10.43 -16.44 -7.31
CA LEU A 120 -9.29 -16.92 -6.57
C LEU A 120 -9.72 -17.73 -5.34
N ALA A 121 -10.74 -17.23 -4.62
CA ALA A 121 -11.29 -17.93 -3.46
C ALA A 121 -11.75 -19.34 -3.84
N SER A 122 -12.48 -19.41 -4.94
CA SER A 122 -13.00 -20.69 -5.46
CA SER A 122 -13.00 -20.70 -5.41
C SER A 122 -11.85 -21.62 -5.78
N ARG A 123 -10.90 -21.11 -6.54
CA ARG A 123 -9.74 -21.91 -6.92
C ARG A 123 -9.00 -22.47 -5.70
N LEU A 124 -8.84 -21.65 -4.67
CA LEU A 124 -8.12 -22.09 -3.46
C LEU A 124 -8.93 -23.11 -2.68
N ARG A 125 -10.24 -22.92 -2.61
CA ARG A 125 -11.12 -23.89 -1.96
C ARG A 125 -11.02 -25.27 -2.66
N ILE A 126 -11.05 -25.26 -3.98
CA ILE A 126 -10.95 -26.50 -4.77
C ILE A 126 -9.62 -27.19 -4.52
N ALA A 127 -8.58 -26.40 -4.33
CA ALA A 127 -7.25 -26.89 -4.03
C ALA A 127 -7.10 -27.34 -2.58
N ASP A 128 -8.17 -27.23 -1.80
CA ASP A 128 -8.19 -27.56 -0.36
C ASP A 128 -7.18 -26.73 0.45
N VAL A 129 -7.05 -25.46 0.07
CA VAL A 129 -6.18 -24.52 0.78
C VAL A 129 -7.09 -23.59 1.58
N THR A 130 -6.73 -23.35 2.83
CA THR A 130 -7.45 -22.41 3.69
C THR A 130 -6.70 -21.11 3.57
N ALA A 131 -7.34 -20.08 3.03
CA ALA A 131 -6.63 -18.88 2.59
C ALA A 131 -7.16 -17.63 3.27
N PHE A 132 -6.24 -16.76 3.69
CA PHE A 132 -6.61 -15.56 4.43
C PHE A 132 -6.13 -14.37 3.65
N ALA A 133 -7.06 -13.47 3.29
CA ALA A 133 -6.74 -12.25 2.52
C ALA A 133 -6.39 -11.12 3.49
N MET A 134 -5.20 -10.55 3.33
CA MET A 134 -4.79 -9.47 4.22
C MET A 134 -5.70 -8.24 4.04
N GLU A 135 -6.28 -8.07 2.85
CA GLU A 135 -7.21 -6.94 2.62
C GLU A 135 -8.47 -7.08 3.47
N SER A 136 -8.78 -8.30 3.92
CA SER A 136 -10.02 -8.60 4.63
C SER A 136 -9.85 -8.67 6.15
N ILE A 137 -8.66 -8.31 6.64
CA ILE A 137 -8.43 -8.16 8.09
C ILE A 137 -9.40 -7.05 8.55
N PRO A 138 -10.24 -7.37 9.54
CA PRO A 138 -11.24 -6.35 9.91
C PRO A 138 -10.59 -5.17 10.64
N ARG A 139 -11.23 -4.00 10.51
CA ARG A 139 -10.69 -2.79 11.12
C ARG A 139 -11.17 -2.71 12.56
N ILE A 140 -10.59 -3.55 13.41
CA ILE A 140 -10.92 -3.65 14.83
C ILE A 140 -9.64 -3.55 15.66
N SER A 141 -9.81 -3.18 16.93
CA SER A 141 -8.68 -2.94 17.85
CA SER A 141 -8.64 -2.89 17.76
C SER A 141 -7.66 -4.08 17.87
N ARG A 142 -8.17 -5.30 18.03
CA ARG A 142 -7.33 -6.50 18.15
C ARG A 142 -6.48 -6.74 16.88
N ALA A 143 -6.90 -6.14 15.77
CA ALA A 143 -6.23 -6.39 14.47
C ALA A 143 -5.33 -5.22 14.06
N GLN A 144 -5.11 -4.27 14.97
CA GLN A 144 -4.27 -3.10 14.64
C GLN A 144 -2.89 -3.46 14.11
N THR A 145 -2.27 -4.47 14.70
CA THR A 145 -0.92 -4.87 14.28
C THR A 145 -0.89 -5.68 12.97
N MET A 146 -2.07 -6.02 12.45
CA MET A 146 -2.22 -6.91 11.27
C MET A 146 -2.64 -6.15 10.03
N ASP A 147 -2.67 -4.82 10.11
CA ASP A 147 -3.28 -4.02 9.04
C ASP A 147 -2.27 -3.76 7.92
N ALA A 148 -2.17 -4.72 7.01
CA ALA A 148 -1.26 -4.61 5.86
C ALA A 148 -1.62 -3.50 4.87
N LEU A 149 -2.91 -3.30 4.62
CA LEU A 149 -3.30 -2.19 3.75
C LEU A 149 -2.73 -0.87 4.30
N SER A 150 -2.79 -0.66 5.62
CA SER A 150 -2.26 0.58 6.23
CA SER A 150 -2.27 0.59 6.21
C SER A 150 -0.74 0.66 6.17
N SER A 151 -0.05 -0.44 6.48
CA SER A 151 1.43 -0.32 6.49
C SER A 151 1.97 0.01 5.09
N GLN A 152 1.38 -0.64 4.08
CA GLN A 152 1.78 -0.37 2.69
C GLN A 152 1.38 1.03 2.25
N ALA A 153 0.22 1.49 2.72
CA ALA A 153 -0.24 2.84 2.36
C ALA A 153 0.67 3.90 2.99
N ASN A 154 1.18 3.64 4.21
CA ASN A 154 2.17 4.55 4.83
C ASN A 154 3.39 4.71 3.97
N VAL A 155 3.91 3.58 3.47
CA VAL A 155 5.07 3.67 2.57
C VAL A 155 4.70 4.47 1.30
N ALA A 156 3.51 4.19 0.76
CA ALA A 156 3.11 4.82 -0.50
C ALA A 156 2.97 6.32 -0.35
N GLY A 157 2.36 6.79 0.76
CA GLY A 157 2.19 8.23 0.96
C GLY A 157 3.54 8.95 1.04
N TYR A 158 4.48 8.34 1.77
CA TYR A 158 5.85 8.89 1.89
C TYR A 158 6.53 8.96 0.52
N LYS A 159 6.50 7.84 -0.21
CA LYS A 159 7.19 7.82 -1.53
C LYS A 159 6.48 8.70 -2.56
N ALA A 160 5.17 8.91 -2.39
CA ALA A 160 4.41 9.83 -3.28
C ALA A 160 4.95 11.25 -3.22
N VAL A 161 5.27 11.70 -2.01
CA VAL A 161 5.84 13.04 -1.83
C VAL A 161 7.24 13.11 -2.42
N LEU A 162 8.07 12.10 -2.16
CA LEU A 162 9.41 12.13 -2.78
C LEU A 162 9.31 12.21 -4.30
N LEU A 163 8.32 11.52 -4.86
CA LEU A 163 8.19 11.49 -6.33
C LEU A 163 7.73 12.86 -6.81
N GLY A 164 6.75 13.43 -6.13
CA GLY A 164 6.29 14.80 -6.48
C GLY A 164 7.44 15.81 -6.41
N ALA A 165 8.20 15.76 -5.32
CA ALA A 165 9.33 16.71 -5.15
C ALA A 165 10.40 16.46 -6.20
N SER A 166 10.60 15.19 -6.57
CA SER A 166 11.64 14.87 -7.56
C SER A 166 11.26 15.32 -8.98
N LEU A 167 9.96 15.30 -9.29
CA LEU A 167 9.46 15.75 -10.61
C LEU A 167 9.23 17.26 -10.74
N SER A 168 9.07 17.92 -9.61
CA SER A 168 8.83 19.37 -9.62
C SER A 168 9.99 20.13 -10.30
N THR A 169 9.69 21.25 -10.94
CA THR A 169 10.77 22.07 -11.51
C THR A 169 11.27 23.07 -10.46
N ARG A 170 10.71 23.00 -9.23
CA ARG A 170 10.99 24.00 -8.20
C ARG A 170 11.32 23.30 -6.87
N PHE A 171 12.03 24.03 -6.00
CA PHE A 171 12.27 23.57 -4.62
C PHE A 171 10.96 23.35 -3.90
N VAL A 172 10.98 22.43 -2.93
CA VAL A 172 9.87 22.38 -1.98
C VAL A 172 10.07 23.40 -0.83
N PRO A 173 11.24 23.39 -0.15
CA PRO A 173 11.39 24.32 0.98
C PRO A 173 11.61 25.76 0.53
N MET A 174 11.18 26.71 1.37
CA MET A 174 11.57 28.10 1.20
C MET A 174 13.10 28.18 1.38
N LEU A 175 13.79 28.87 0.49
CA LEU A 175 15.22 29.07 0.68
C LEU A 175 15.60 30.52 0.41
N THR A 176 16.50 31.01 1.23
CA THR A 176 17.03 32.36 1.05
CA THR A 176 17.03 32.36 1.05
C THR A 176 18.49 32.18 0.69
N THR A 177 18.82 32.39 -0.56
CA THR A 177 20.19 32.12 -0.98
C THR A 177 20.80 33.41 -1.43
N ALA A 178 22.11 33.38 -1.68
CA ALA A 178 22.86 34.54 -2.15
C ALA A 178 22.38 34.95 -3.55
N ALA A 179 21.90 33.95 -4.29
CA ALA A 179 21.43 34.12 -5.67
C ALA A 179 19.98 34.66 -5.70
N GLY A 180 19.21 34.35 -4.67
CA GLY A 180 17.82 34.75 -4.64
C GLY A 180 17.02 33.94 -3.64
N THR A 181 15.82 34.45 -3.33
CA THR A 181 14.90 33.79 -2.42
C THR A 181 13.79 33.09 -3.22
N VAL A 182 13.34 31.94 -2.72
CA VAL A 182 12.22 31.23 -3.33
C VAL A 182 11.17 30.91 -2.25
N LYS A 183 9.91 31.02 -2.64
CA LYS A 183 8.80 30.74 -1.75
C LYS A 183 8.68 29.22 -1.61
N PRO A 184 8.10 28.73 -0.50
CA PRO A 184 7.93 27.25 -0.41
C PRO A 184 6.86 26.75 -1.36
N ALA A 185 6.91 25.48 -1.72
CA ALA A 185 5.84 24.87 -2.49
C ALA A 185 4.61 24.74 -1.63
N SER A 186 3.44 24.84 -2.24
CA SER A 186 2.19 24.48 -1.58
CA SER A 186 2.21 24.47 -1.56
C SER A 186 1.79 23.09 -2.06
N ALA A 187 1.48 22.21 -1.11
CA ALA A 187 1.07 20.84 -1.43
C ALA A 187 -0.35 20.60 -0.93
N LEU A 188 -1.15 19.98 -1.81
CA LEU A 188 -2.55 19.60 -1.49
C LEU A 188 -2.68 18.09 -1.59
N VAL A 189 -3.28 17.48 -0.56
CA VAL A 189 -3.52 16.04 -0.60
C VAL A 189 -5.03 15.85 -0.63
N LEU A 190 -5.48 15.07 -1.62
CA LEU A 190 -6.91 14.79 -1.81
C LEU A 190 -7.15 13.34 -1.46
N GLY A 191 -7.91 13.11 -0.40
CA GLY A 191 -8.11 11.77 0.17
C GLY A 191 -7.10 11.61 1.29
N VAL A 192 -7.57 11.70 2.53
CA VAL A 192 -6.65 11.63 3.66
C VAL A 192 -6.98 10.40 4.53
N GLY A 193 -6.73 9.24 3.94
CA GLY A 193 -6.60 8.00 4.72
C GLY A 193 -5.13 7.91 5.12
N VAL A 194 -4.65 6.68 5.32
CA VAL A 194 -3.30 6.46 5.81
C VAL A 194 -2.24 7.05 4.83
N ALA A 195 -2.37 6.76 3.54
CA ALA A 195 -1.36 7.25 2.58
C ALA A 195 -1.39 8.79 2.59
N GLY A 196 -2.59 9.36 2.53
CA GLY A 196 -2.73 10.83 2.42
C GLY A 196 -2.16 11.52 3.66
N LEU A 197 -2.37 10.93 4.83
CA LEU A 197 -1.86 11.53 6.05
C LEU A 197 -0.33 11.50 6.07
N GLN A 198 0.26 10.37 5.67
CA GLN A 198 1.70 10.30 5.58
C GLN A 198 2.23 11.26 4.53
N ALA A 199 1.52 11.40 3.40
CA ALA A 199 1.93 12.42 2.38
C ALA A 199 1.93 13.85 2.99
N LEU A 200 0.89 14.19 3.73
CA LEU A 200 0.89 15.52 4.40
C LEU A 200 2.08 15.69 5.34
N ALA A 201 2.37 14.66 6.15
CA ALA A 201 3.45 14.75 7.12
C ALA A 201 4.78 14.90 6.39
N THR A 202 4.97 14.08 5.35
CA THR A 202 6.25 14.09 4.62
C THR A 202 6.46 15.40 3.87
N ALA A 203 5.41 15.91 3.23
CA ALA A 203 5.50 17.20 2.52
C ALA A 203 5.87 18.32 3.50
N LYS A 204 5.24 18.30 4.68
CA LYS A 204 5.56 19.28 5.73
C LYS A 204 7.02 19.23 6.17
N ARG A 205 7.53 18.01 6.40
CA ARG A 205 8.94 17.78 6.76
C ARG A 205 9.87 18.45 5.77
N LEU A 206 9.55 18.28 4.49
CA LEU A 206 10.35 18.81 3.40
C LEU A 206 10.26 20.33 3.23
N GLY A 207 9.32 20.94 3.92
CA GLY A 207 9.19 22.40 3.97
C GLY A 207 7.98 22.96 3.23
N ALA A 208 7.10 22.10 2.70
CA ALA A 208 5.88 22.60 1.99
C ALA A 208 4.85 23.22 2.93
N LYS A 209 4.11 24.20 2.41
CA LYS A 209 2.85 24.63 3.02
C LYS A 209 1.82 23.56 2.62
N THR A 210 1.10 23.00 3.59
CA THR A 210 0.26 21.81 3.30
C THR A 210 -1.21 22.04 3.59
N THR A 211 -2.03 21.38 2.76
CA THR A 211 -3.50 21.44 2.85
C THR A 211 -4.02 20.05 2.57
N GLY A 212 -5.01 19.62 3.36
CA GLY A 212 -5.61 18.29 3.16
C GLY A 212 -7.09 18.42 2.92
N TYR A 213 -7.64 17.55 2.09
CA TYR A 213 -9.09 17.56 1.82
C TYR A 213 -9.59 16.11 1.83
N ASP A 214 -10.75 15.88 2.45
CA ASP A 214 -11.35 14.53 2.41
C ASP A 214 -12.87 14.73 2.52
N VAL A 215 -13.63 13.88 1.83
CA VAL A 215 -15.11 13.95 1.93
C VAL A 215 -15.64 13.61 3.32
N ARG A 216 -14.85 12.90 4.12
CA ARG A 216 -15.24 12.58 5.49
C ARG A 216 -14.84 13.69 6.47
N PRO A 217 -15.83 14.40 7.06
CA PRO A 217 -15.50 15.54 7.93
C PRO A 217 -14.64 15.19 9.15
N GLU A 218 -14.76 13.98 9.68
CA GLU A 218 -14.06 13.62 10.91
C GLU A 218 -12.54 13.56 10.71
N VAL A 219 -12.11 13.59 9.44
CA VAL A 219 -10.69 13.51 9.13
C VAL A 219 -9.99 14.86 9.39
N ALA A 220 -10.77 15.91 9.63
CA ALA A 220 -10.23 17.27 9.85
C ALA A 220 -9.19 17.29 10.95
N GLU A 221 -9.51 16.62 12.06
CA GLU A 221 -8.58 16.54 13.18
CA GLU A 221 -8.56 16.57 13.17
C GLU A 221 -7.25 15.92 12.80
N GLN A 222 -7.32 14.84 12.00
CA GLN A 222 -6.08 14.18 11.56
C GLN A 222 -5.23 15.10 10.68
N VAL A 223 -5.88 15.79 9.75
CA VAL A 223 -5.20 16.74 8.85
C VAL A 223 -4.53 17.83 9.67
N ARG A 224 -5.25 18.39 10.63
CA ARG A 224 -4.65 19.41 11.48
C ARG A 224 -3.49 18.90 12.36
N SER A 225 -3.57 17.62 12.77
CA SER A 225 -2.59 17.04 13.71
C SER A 225 -1.22 16.92 13.04
N VAL A 226 -1.17 16.89 11.69
CA VAL A 226 0.10 16.87 10.95
C VAL A 226 0.50 18.25 10.40
N GLY A 227 -0.20 19.27 10.87
CA GLY A 227 0.18 20.66 10.57
C GLY A 227 -0.27 21.17 9.22
N ALA A 228 -1.30 20.52 8.67
CA ALA A 228 -1.90 20.94 7.40
C ALA A 228 -3.18 21.72 7.65
N GLN A 229 -3.49 22.61 6.70
CA GLN A 229 -4.78 23.29 6.67
CA GLN A 229 -4.78 23.30 6.65
C GLN A 229 -5.84 22.33 6.18
N TRP A 230 -7.03 22.43 6.75
CA TRP A 230 -8.18 21.66 6.32
C TRP A 230 -8.95 22.45 5.26
N LEU A 231 -9.02 21.91 4.05
CA LEU A 231 -9.72 22.59 2.96
C LEU A 231 -11.24 22.49 3.16
N ASP A 232 -11.88 23.64 3.32
CA ASP A 232 -13.33 23.71 3.39
C ASP A 232 -13.82 24.41 2.13
N LEU A 233 -14.78 23.79 1.47
CA LEU A 233 -15.17 24.25 0.14
C LEU A 233 -16.21 25.39 0.18
N GLY A 234 -17.13 25.33 1.15
CA GLY A 234 -18.11 26.40 1.35
C GLY A 234 -19.51 25.91 1.66
N SER A 248 -28.80 20.86 -2.66
CA SER A 248 -27.83 19.81 -2.98
C SER A 248 -27.39 19.85 -4.44
N GLU A 249 -28.31 20.08 -5.37
CA GLU A 249 -28.02 20.00 -6.81
C GLU A 249 -27.03 21.05 -7.33
N ALA A 250 -27.43 22.32 -7.32
CA ALA A 250 -26.58 23.43 -7.78
C ALA A 250 -25.49 23.79 -6.77
N GLU A 251 -25.68 23.34 -5.53
CA GLU A 251 -24.66 23.45 -4.49
C GLU A 251 -23.50 22.47 -4.79
N ARG A 252 -23.83 21.24 -5.17
CA ARG A 252 -22.83 20.22 -5.53
C ARG A 252 -21.91 20.67 -6.67
N ALA A 253 -22.47 21.41 -7.62
CA ALA A 253 -21.72 21.97 -8.74
C ALA A 253 -20.80 23.10 -8.28
N GLN A 254 -21.27 23.93 -7.34
CA GLN A 254 -20.47 25.02 -6.79
C GLN A 254 -19.26 24.45 -6.03
N GLN A 255 -19.49 23.31 -5.38
CA GLN A 255 -18.49 22.60 -4.61
C GLN A 255 -17.40 22.02 -5.53
N GLN A 256 -17.84 21.31 -6.58
CA GLN A 256 -16.93 20.76 -7.59
C GLN A 256 -16.10 21.87 -8.20
N GLN A 257 -16.74 22.99 -8.49
CA GLN A 257 -16.04 24.15 -9.06
C GLN A 257 -15.10 24.77 -8.05
N ALA A 258 -15.49 24.80 -6.78
CA ALA A 258 -14.61 25.29 -5.72
C ALA A 258 -13.38 24.38 -5.56
N LEU A 259 -13.58 23.07 -5.62
CA LEU A 259 -12.45 22.12 -5.57
C LEU A 259 -11.53 22.33 -6.78
N GLU A 260 -12.13 22.41 -7.97
CA GLU A 260 -11.36 22.66 -9.19
C GLU A 260 -10.49 23.93 -9.05
N ASP A 261 -11.08 25.03 -8.58
CA ASP A 261 -10.35 26.29 -8.39
C ASP A 261 -9.24 26.16 -7.37
N ALA A 262 -9.52 25.47 -6.27
CA ALA A 262 -8.53 25.31 -5.24
C ALA A 262 -7.30 24.58 -5.79
N ILE A 263 -7.52 23.50 -6.55
CA ILE A 263 -6.39 22.70 -7.11
C ILE A 263 -5.42 23.54 -7.93
N THR A 264 -5.95 24.52 -8.68
CA THR A 264 -5.09 25.31 -9.56
C THR A 264 -4.03 26.08 -8.81
N LYS A 265 -4.22 26.26 -7.50
CA LYS A 265 -3.33 27.09 -6.67
C LYS A 265 -2.10 26.36 -6.14
N PHE A 266 -2.03 25.05 -6.34
CA PHE A 266 -0.98 24.24 -5.67
C PHE A 266 0.14 23.81 -6.60
N ASP A 267 1.34 23.67 -6.04
CA ASP A 267 2.51 23.21 -6.82
C ASP A 267 2.59 21.69 -6.91
N ILE A 268 2.10 21.01 -5.87
CA ILE A 268 2.12 19.55 -5.83
C ILE A 268 0.75 19.13 -5.36
N VAL A 269 0.09 18.22 -6.09
CA VAL A 269 -1.20 17.70 -5.68
C VAL A 269 -1.08 16.18 -5.66
N ILE A 270 -1.39 15.57 -4.51
CA ILE A 270 -1.29 14.13 -4.36
CA ILE A 270 -1.29 14.13 -4.31
C ILE A 270 -2.71 13.62 -4.14
N THR A 271 -3.13 12.66 -4.96
CA THR A 271 -4.50 12.13 -4.87
C THR A 271 -4.45 10.67 -4.44
N THR A 272 -5.32 10.27 -3.51
CA THR A 272 -5.16 8.93 -2.91
C THR A 272 -6.48 8.17 -2.80
N ALA A 273 -7.58 8.81 -3.19
CA ALA A 273 -8.90 8.26 -2.86
C ALA A 273 -9.23 7.00 -3.65
N LEU A 274 -9.70 5.98 -2.92
CA LEU A 274 -10.07 4.70 -3.52
C LEU A 274 -11.47 4.31 -3.07
N VAL A 275 -12.10 3.47 -3.89
CA VAL A 275 -13.32 2.76 -3.49
C VAL A 275 -13.04 1.29 -3.77
N PRO A 276 -12.97 0.45 -2.71
CA PRO A 276 -12.64 -0.97 -2.91
C PRO A 276 -13.55 -1.63 -3.95
N GLY A 277 -12.97 -2.25 -4.96
CA GLY A 277 -13.71 -2.89 -6.02
C GLY A 277 -14.45 -2.05 -7.01
N ARG A 278 -14.16 -0.77 -7.06
CA ARG A 278 -14.82 0.16 -7.92
C ARG A 278 -13.79 1.12 -8.54
N PRO A 279 -14.17 1.84 -9.59
CA PRO A 279 -13.30 2.86 -10.15
C PRO A 279 -12.88 3.90 -9.09
N ALA A 280 -11.71 4.46 -9.26
CA ALA A 280 -11.28 5.55 -8.40
C ALA A 280 -12.20 6.76 -8.59
N PRO A 281 -12.55 7.46 -7.49
CA PRO A 281 -13.29 8.72 -7.58
C PRO A 281 -12.52 9.77 -8.38
N ARG A 282 -13.21 10.46 -9.30
CA ARG A 282 -12.62 11.57 -10.04
C ARG A 282 -12.54 12.82 -9.16
N LEU A 283 -11.32 13.28 -8.88
CA LEU A 283 -11.13 14.44 -8.01
C LEU A 283 -10.45 15.62 -8.70
N VAL A 284 -9.69 15.32 -9.76
CA VAL A 284 -8.95 16.35 -10.48
C VAL A 284 -9.39 16.28 -11.94
N THR A 285 -10.23 17.23 -12.33
CA THR A 285 -10.70 17.30 -13.71
C THR A 285 -9.56 17.74 -14.62
N ALA A 286 -9.75 17.55 -15.92
CA ALA A 286 -8.81 18.09 -16.90
C ALA A 286 -8.57 19.59 -16.71
N ALA A 287 -9.65 20.36 -16.48
CA ALA A 287 -9.54 21.81 -16.29
C ALA A 287 -8.73 22.19 -15.04
N ALA A 288 -8.92 21.45 -13.96
CA ALA A 288 -8.18 21.68 -12.71
C ALA A 288 -6.69 21.52 -12.95
N ALA A 289 -6.31 20.41 -13.58
CA ALA A 289 -4.89 20.12 -13.85
C ALA A 289 -4.31 21.16 -14.78
N THR A 290 -5.04 21.50 -15.83
CA THR A 290 -4.62 22.47 -16.84
C THR A 290 -4.43 23.87 -16.27
N GLY A 291 -5.22 24.19 -15.24
CA GLY A 291 -5.18 25.49 -14.57
C GLY A 291 -4.02 25.65 -13.59
N MET A 292 -3.31 24.56 -13.27
CA MET A 292 -2.13 24.63 -12.41
C MET A 292 -0.97 25.33 -13.13
N GLN A 293 -0.06 25.92 -12.36
CA GLN A 293 1.07 26.62 -12.95
C GLN A 293 2.01 25.64 -13.62
N PRO A 294 2.70 26.08 -14.69
CA PRO A 294 3.71 25.22 -15.30
C PRO A 294 4.69 24.67 -14.28
N GLY A 295 5.10 23.42 -14.44
CA GLY A 295 6.07 22.77 -13.53
C GLY A 295 5.45 22.19 -12.27
N SER A 296 4.16 22.44 -12.07
CA SER A 296 3.40 21.79 -10.98
C SER A 296 3.26 20.31 -11.26
N VAL A 297 3.01 19.50 -10.23
CA VAL A 297 2.93 18.04 -10.43
C VAL A 297 1.67 17.51 -9.75
N VAL A 298 0.99 16.59 -10.44
CA VAL A 298 -0.09 15.82 -9.85
C VAL A 298 0.42 14.38 -9.71
N VAL A 299 0.42 13.89 -8.47
CA VAL A 299 0.83 12.49 -8.21
C VAL A 299 -0.46 11.73 -7.87
N ASP A 300 -0.91 10.92 -8.82
CA ASP A 300 -2.18 10.20 -8.71
C ASP A 300 -1.87 8.76 -8.31
N LEU A 301 -2.28 8.37 -7.10
CA LEU A 301 -1.99 7.04 -6.60
C LEU A 301 -3.03 6.00 -7.00
N ALA A 302 -4.06 6.44 -7.69
CA ALA A 302 -5.23 5.57 -7.96
C ALA A 302 -5.26 5.00 -9.40
N GLY A 303 -4.10 4.97 -10.06
CA GLY A 303 -4.00 4.60 -11.49
C GLY A 303 -4.54 3.21 -11.80
N GLU A 304 -4.35 2.27 -10.88
CA GLU A 304 -4.80 0.89 -11.10
C GLU A 304 -6.31 0.80 -11.27
N THR A 305 -7.04 1.74 -10.65
CA THR A 305 -8.50 1.75 -10.79
C THR A 305 -9.03 2.94 -11.58
N GLY A 306 -8.20 3.47 -12.47
CA GLY A 306 -8.65 4.51 -13.38
C GLY A 306 -8.05 5.89 -13.13
N GLY A 307 -7.51 6.10 -11.93
CA GLY A 307 -6.92 7.41 -11.56
C GLY A 307 -7.93 8.41 -11.02
N ASN A 308 -7.50 9.23 -10.07
CA ASN A 308 -8.32 10.32 -9.55
C ASN A 308 -8.32 11.49 -10.51
N CYS A 309 -7.34 11.48 -11.44
CA CYS A 309 -7.18 12.58 -12.38
C CYS A 309 -7.60 12.12 -13.76
N GLU A 310 -8.44 12.92 -14.39
CA GLU A 310 -8.94 12.65 -15.74
C GLU A 310 -7.81 12.42 -16.79
N LEU A 311 -6.68 13.10 -16.60
CA LEU A 311 -5.60 13.04 -17.58
C LEU A 311 -4.56 11.97 -17.25
N THR A 312 -4.77 11.25 -16.15
CA THR A 312 -3.82 10.22 -15.72
C THR A 312 -3.66 9.10 -16.74
N GLU A 313 -2.40 8.78 -17.03
CA GLU A 313 -2.05 7.59 -17.80
C GLU A 313 -1.38 6.60 -16.83
N PRO A 314 -2.11 5.54 -16.42
CA PRO A 314 -1.62 4.60 -15.39
C PRO A 314 -0.21 4.06 -15.65
N GLY A 315 0.66 4.15 -14.65
CA GLY A 315 2.04 3.67 -14.76
C GLY A 315 2.99 4.54 -15.57
N ARG A 316 2.54 5.72 -15.99
CA ARG A 316 3.38 6.61 -16.76
C ARG A 316 3.44 8.01 -16.15
N THR A 317 4.42 8.78 -16.60
CA THR A 317 4.53 10.20 -16.23
C THR A 317 4.43 10.98 -17.54
N ILE A 318 3.47 11.89 -17.62
CA ILE A 318 3.23 12.68 -18.83
C ILE A 318 3.15 14.15 -18.48
N VAL A 319 3.22 15.01 -19.51
CA VAL A 319 3.10 16.44 -19.29
C VAL A 319 1.89 16.94 -20.09
N HIS A 320 1.04 17.74 -19.45
CA HIS A 320 -0.13 18.29 -20.09
C HIS A 320 -0.17 19.80 -19.82
N HIS A 321 -0.02 20.61 -20.88
CA HIS A 321 0.03 22.06 -20.74
CA HIS A 321 -0.01 22.08 -20.73
C HIS A 321 1.00 22.49 -19.63
N GLY A 322 2.20 21.91 -19.67
CA GLY A 322 3.27 22.25 -18.71
C GLY A 322 3.09 21.68 -17.32
N VAL A 323 2.06 20.86 -17.13
CA VAL A 323 1.78 20.25 -15.79
C VAL A 323 2.10 18.77 -15.83
N THR A 324 2.91 18.30 -14.87
CA THR A 324 3.36 16.90 -14.91
C THR A 324 2.30 16.05 -14.19
N ILE A 325 1.83 14.99 -14.83
CA ILE A 325 0.85 14.08 -14.24
CA ILE A 325 0.86 14.08 -14.20
C ILE A 325 1.50 12.70 -14.15
N THR A 326 1.68 12.18 -12.94
CA THR A 326 2.39 10.91 -12.79
C THR A 326 1.51 9.89 -12.07
N SER A 327 1.62 8.62 -12.46
CA SER A 327 0.73 7.59 -11.93
C SER A 327 1.52 6.34 -11.54
N PRO A 328 2.21 6.39 -10.39
CA PRO A 328 2.93 5.19 -9.93
C PRO A 328 1.98 4.10 -9.52
N LEU A 329 2.29 2.86 -9.89
CA LEU A 329 1.38 1.75 -9.58
C LEU A 329 1.81 0.87 -8.41
N ASN A 330 3.07 0.96 -8.00
CA ASN A 330 3.48 0.13 -6.87
C ASN A 330 4.52 0.84 -6.05
N LEU A 331 4.10 1.88 -5.33
CA LEU A 331 5.07 2.62 -4.53
C LEU A 331 5.73 1.81 -3.38
N PRO A 332 4.98 0.86 -2.74
CA PRO A 332 5.62 0.01 -1.73
C PRO A 332 6.85 -0.73 -2.26
N ALA A 333 6.80 -1.21 -3.51
CA ALA A 333 7.93 -1.91 -4.12
C ALA A 333 9.15 -0.99 -4.28
N THR A 334 8.94 0.32 -4.31
CA THR A 334 10.06 1.26 -4.44
C THR A 334 10.85 1.50 -3.15
N MET A 335 10.37 0.94 -2.05
CA MET A 335 11.06 1.10 -0.76
C MET A 335 10.92 -0.25 -0.06
N PRO A 336 11.53 -1.28 -0.65
CA PRO A 336 11.05 -2.63 -0.35
C PRO A 336 11.52 -3.25 0.97
N GLU A 337 12.60 -2.76 1.58
CA GLU A 337 13.00 -3.38 2.83
C GLU A 337 12.01 -2.99 3.91
N HIS A 338 11.76 -1.70 4.09
CA HIS A 338 10.78 -1.36 5.14
C HIS A 338 9.34 -1.71 4.78
N ALA A 339 8.97 -1.64 3.49
CA ALA A 339 7.62 -2.12 3.12
C ALA A 339 7.49 -3.60 3.50
N SER A 340 8.52 -4.41 3.19
CA SER A 340 8.43 -5.84 3.51
C SER A 340 8.51 -6.12 4.98
N GLU A 341 9.30 -5.36 5.71
CA GLU A 341 9.42 -5.61 7.16
C GLU A 341 8.10 -5.34 7.86
N LEU A 342 7.46 -4.22 7.55
CA LEU A 342 6.17 -3.91 8.17
C LEU A 342 5.12 -4.96 7.80
N TYR A 343 5.08 -5.31 6.50
CA TYR A 343 4.18 -6.35 5.97
C TYR A 343 4.44 -7.68 6.67
N ALA A 344 5.70 -8.03 6.84
CA ALA A 344 6.06 -9.28 7.53
C ALA A 344 5.53 -9.32 8.95
N LYS A 345 5.62 -8.20 9.65
CA LYS A 345 5.04 -8.11 11.01
C LYS A 345 3.50 -8.23 10.98
N ASN A 346 2.85 -7.65 9.95
CA ASN A 346 1.40 -7.80 9.79
C ASN A 346 1.02 -9.28 9.62
N VAL A 347 1.68 -9.92 8.66
CA VAL A 347 1.42 -11.34 8.35
C VAL A 347 1.70 -12.24 9.56
N THR A 348 2.79 -11.98 10.26
CA THR A 348 3.12 -12.85 11.42
C THR A 348 2.19 -12.61 12.60
N ALA A 349 1.64 -11.40 12.71
CA ALA A 349 0.68 -11.15 13.78
C ALA A 349 -0.58 -12.00 13.53
N LEU A 350 -1.01 -12.10 12.27
CA LEU A 350 -2.16 -12.95 11.94
C LEU A 350 -1.78 -14.41 12.14
N LEU A 351 -0.61 -14.78 11.67
CA LEU A 351 -0.16 -16.17 11.77
C LEU A 351 -0.17 -16.63 13.24
N ASP A 352 0.23 -15.74 14.15
CA ASP A 352 0.27 -16.07 15.58
C ASP A 352 -1.11 -16.44 16.11
N LEU A 353 -2.18 -15.88 15.53
CA LEU A 353 -3.54 -16.29 15.88
C LEU A 353 -3.81 -17.71 15.47
N LEU A 354 -3.26 -18.09 14.31
CA LEU A 354 -3.55 -19.39 13.70
C LEU A 354 -2.73 -20.50 14.29
N LEU A 355 -1.62 -20.17 14.95
CA LEU A 355 -0.74 -21.20 15.51
C LEU A 355 -1.10 -21.51 16.96
N THR A 356 -1.06 -22.79 17.30
CA THR A 356 -1.15 -23.24 18.68
C THR A 356 0.09 -24.12 18.90
N ASP A 357 0.26 -24.68 20.10
CA ASP A 357 1.34 -25.62 20.33
C ASP A 357 1.19 -26.84 19.39
N ASP A 358 -0.06 -27.13 19.00
CA ASP A 358 -0.40 -28.27 18.11
C ASP A 358 -0.10 -28.06 16.62
N GLY A 359 0.38 -26.87 16.27
CA GLY A 359 0.63 -26.53 14.87
C GLY A 359 -0.40 -25.55 14.38
N VAL A 360 -0.87 -25.75 13.15
CA VAL A 360 -1.77 -24.80 12.53
C VAL A 360 -3.20 -25.18 12.85
N ALA A 361 -3.89 -24.31 13.58
CA ALA A 361 -5.28 -24.59 14.02
C ALA A 361 -6.12 -23.32 14.15
N PRO A 362 -6.58 -22.78 12.99
CA PRO A 362 -7.39 -21.55 12.99
C PRO A 362 -8.69 -21.70 13.79
N ASP A 363 -8.95 -20.73 14.66
CA ASP A 363 -10.17 -20.74 15.46
C ASP A 363 -11.18 -19.85 14.78
N PHE A 364 -12.17 -20.45 14.12
CA PHE A 364 -13.12 -19.66 13.34
C PHE A 364 -14.17 -18.90 14.14
N THR A 365 -14.11 -19.00 15.46
CA THR A 365 -14.95 -18.18 16.34
C THR A 365 -14.27 -16.86 16.62
N ASP A 366 -13.01 -16.78 16.23
CA ASP A 366 -12.28 -15.52 16.31
C ASP A 366 -12.64 -14.70 15.07
N GLU A 367 -13.22 -13.53 15.30
CA GLU A 367 -13.72 -12.61 14.28
CA GLU A 367 -13.74 -12.65 14.25
C GLU A 367 -12.69 -12.27 13.18
N ILE A 368 -11.43 -12.19 13.56
CA ILE A 368 -10.36 -11.82 12.62
C ILE A 368 -10.13 -12.96 11.64
N VAL A 369 -10.08 -14.17 12.20
CA VAL A 369 -9.88 -15.39 11.44
C VAL A 369 -11.06 -15.64 10.49
N ALA A 370 -12.29 -15.54 11.02
CA ALA A 370 -13.48 -15.73 10.20
C ALA A 370 -13.63 -14.67 9.09
N ALA A 371 -13.38 -13.40 9.42
CA ALA A 371 -13.56 -12.30 8.46
C ALA A 371 -12.51 -12.33 7.34
N SER A 372 -11.29 -12.72 7.67
CA SER A 372 -10.21 -12.70 6.66
C SER A 372 -10.13 -13.97 5.79
N CYS A 373 -10.75 -15.06 6.23
CA CYS A 373 -10.66 -16.33 5.48
C CYS A 373 -11.61 -16.23 4.29
N ILE A 374 -11.09 -16.43 3.08
CA ILE A 374 -11.92 -16.28 1.89
C ILE A 374 -12.41 -17.63 1.35
N THR A 375 -11.99 -18.70 1.98
CA THR A 375 -12.27 -20.04 1.43
C THR A 375 -13.35 -20.78 2.22
N ARG A 376 -13.79 -20.19 3.33
CA ARG A 376 -14.74 -20.86 4.22
C ARG A 376 -16.16 -20.68 3.67
N THR A 377 -16.91 -21.79 3.59
CA THR A 377 -18.26 -21.80 3.02
C THR A 377 -19.26 -22.52 3.92
#